data_2R15
#
_entry.id   2R15
#
_cell.length_a   61.504
_cell.length_b   87.870
_cell.length_c   203.081
_cell.angle_alpha   90.00
_cell.angle_beta   90.00
_cell.angle_gamma   90.00
#
_symmetry.space_group_name_H-M   'C 2 2 21'
#
loop_
_entity.id
_entity.type
_entity.pdbx_description
1 polymer Myomesin-1
2 non-polymer 'ACETATE ION'
3 non-polymer GLYCEROL
4 water water
#
_entity_poly.entity_id   1
_entity_poly.type   'polypeptide(L)'
_entity_poly.pdbx_seq_one_letter_code
;GSSIALSATDLKIQSTAEGIQLYSFVTYYVEDLKVNWSHNGSAIRYSDRVKTGVTGEQIWLQINEPTPNDKGKYVMELFD
GKTGHQKTVDLSGQAYDEAYAEFQRLKQAAIAEKNRARVLGGLPDVVTIQEGKALNLTCNVWGDPPPEVSWLKNEKALAQ
TDHCNLKFEAGRTAYFTINGVSTADSGKYGLVVKNKYGSETSDFTVSVFIPE
;
_entity_poly.pdbx_strand_id   A,B
#
# COMPACT_ATOMS: atom_id res chain seq x y z
N LEU A 6 -45.92 39.64 21.11
CA LEU A 6 -45.64 38.61 20.07
C LEU A 6 -45.29 39.23 18.72
N SER A 7 -44.02 39.11 18.33
CA SER A 7 -43.51 39.69 17.10
C SER A 7 -42.81 38.61 16.27
N ALA A 8 -43.05 38.64 14.96
CA ALA A 8 -42.45 37.72 14.01
C ALA A 8 -41.76 38.50 12.88
N THR A 9 -40.67 37.97 12.34
CA THR A 9 -40.02 38.58 11.20
C THR A 9 -40.81 38.29 9.93
N ASP A 10 -40.76 39.23 8.98
CA ASP A 10 -41.32 39.06 7.64
C ASP A 10 -40.88 37.74 7.08
N LEU A 11 -41.81 37.05 6.41
CA LEU A 11 -41.48 35.79 5.77
C LEU A 11 -40.38 35.99 4.73
N LYS A 12 -39.36 35.13 4.80
CA LYS A 12 -38.33 35.10 3.80
C LYS A 12 -38.39 33.78 3.03
N ILE A 13 -37.85 33.82 1.83
CA ILE A 13 -37.81 32.69 0.93
C ILE A 13 -36.35 32.26 0.88
N GLN A 14 -36.10 30.97 1.05
CA GLN A 14 -34.72 30.45 1.11
C GLN A 14 -34.66 29.24 0.20
N SER A 15 -33.72 29.22 -0.73
CA SER A 15 -33.50 28.02 -1.53
C SER A 15 -32.65 27.02 -0.77
N THR A 16 -33.01 25.74 -0.90
CA THR A 16 -32.18 24.67 -0.35
C THR A 16 -31.86 23.68 -1.44
N ALA A 17 -31.02 22.70 -1.10
CA ALA A 17 -30.63 21.63 -2.01
C ALA A 17 -31.83 20.75 -2.37
N GLU A 18 -32.89 20.83 -1.59
CA GLU A 18 -34.08 20.01 -1.78
C GLU A 18 -35.24 20.78 -2.36
N GLY A 19 -35.26 22.10 -2.19
CA GLY A 19 -36.34 22.91 -2.74
C GLY A 19 -36.28 24.38 -2.35
N ILE A 20 -37.43 24.86 -1.88
CA ILE A 20 -37.61 26.24 -1.46
C ILE A 20 -38.27 26.20 -0.10
N GLN A 21 -37.72 26.95 0.83
CA GLN A 21 -38.31 27.06 2.16
C GLN A 21 -38.77 28.48 2.40
N LEU A 22 -39.86 28.61 3.15
CA LEU A 22 -40.32 29.90 3.65
C LEU A 22 -40.29 29.84 5.18
N TYR A 23 -39.81 30.89 5.82
CA TYR A 23 -39.70 30.84 7.27
C TYR A 23 -39.75 32.23 7.91
N SER A 24 -40.26 32.26 9.14
CA SER A 24 -40.26 33.46 9.97
C SER A 24 -39.60 33.07 11.32
N PHE A 25 -39.07 34.08 12.00
CA PHE A 25 -38.60 33.88 13.35
C PHE A 25 -39.55 34.66 14.28
N VAL A 26 -40.17 33.96 15.22
CA VAL A 26 -40.92 34.64 16.27
C VAL A 26 -39.96 35.16 17.32
N THR A 27 -39.81 36.48 17.33
CA THR A 27 -38.88 37.18 18.23
C THR A 27 -39.18 36.85 19.69
N TYR A 28 -40.43 36.46 19.95
CA TYR A 28 -40.89 35.98 21.27
C TYR A 28 -40.76 34.44 21.33
N TYR A 29 -41.75 33.72 21.86
CA TYR A 29 -41.66 32.25 21.91
C TYR A 29 -43.01 31.50 21.83
N VAL A 30 -42.98 30.34 21.17
CA VAL A 30 -44.14 29.45 20.98
C VAL A 30 -44.16 28.25 21.96
N GLU A 31 -45.04 28.25 22.94
CA GLU A 31 -45.22 27.07 23.79
C GLU A 31 -46.38 26.22 23.23
N ASP A 32 -47.58 26.44 23.77
CA ASP A 32 -48.80 25.81 23.28
C ASP A 32 -49.45 26.68 22.19
N LEU A 33 -48.67 26.97 21.15
CA LEU A 33 -49.11 27.95 20.17
C LEU A 33 -49.22 27.32 18.79
N LYS A 34 -50.42 27.46 18.23
CA LYS A 34 -50.80 26.85 16.97
C LYS A 34 -50.19 27.57 15.78
N VAL A 35 -49.97 26.84 14.72
CA VAL A 35 -49.47 27.43 13.49
C VAL A 35 -50.12 26.73 12.33
N ASN A 36 -50.69 27.55 11.43
CA ASN A 36 -51.36 27.06 10.25
C ASN A 36 -50.71 27.77 9.11
N TRP A 37 -50.52 27.06 8.01
CA TRP A 37 -50.07 27.69 6.79
C TRP A 37 -51.15 27.55 5.74
N SER A 38 -51.31 28.59 4.94
CA SER A 38 -52.20 28.56 3.78
C SER A 38 -51.48 28.95 2.47
N HIS A 39 -51.99 28.44 1.36
CA HIS A 39 -51.52 28.76 0.03
C HIS A 39 -52.74 29.28 -0.74
N ASN A 40 -52.70 30.56 -1.12
CA ASN A 40 -53.82 31.25 -1.79
C ASN A 40 -55.13 31.20 -1.00
N GLY A 41 -55.00 31.30 0.33
CA GLY A 41 -56.14 31.29 1.23
C GLY A 41 -56.74 29.93 1.50
N SER A 42 -56.09 28.87 1.02
CA SER A 42 -56.57 27.51 1.26
C SER A 42 -55.58 26.78 2.15
N ALA A 43 -56.08 25.80 2.92
CA ALA A 43 -55.20 25.09 3.82
C ALA A 43 -54.22 24.21 3.06
N ILE A 44 -53.05 24.02 3.65
CA ILE A 44 -52.00 23.29 2.97
C ILE A 44 -52.12 21.80 3.19
N ARG A 45 -52.21 21.09 2.07
CA ARG A 45 -52.05 19.66 1.95
C ARG A 45 -50.57 19.35 2.26
N TYR A 46 -50.31 18.49 3.23
CA TYR A 46 -48.92 18.15 3.53
C TYR A 46 -48.63 16.74 3.05
N SER A 47 -47.36 16.49 2.73
CA SER A 47 -46.92 15.19 2.25
C SER A 47 -45.45 15.08 2.58
N ASP A 48 -44.77 14.16 1.92
CA ASP A 48 -43.31 14.10 2.02
C ASP A 48 -42.62 15.10 1.08
N ARG A 49 -43.42 15.87 0.33
CA ARG A 49 -42.88 16.89 -0.56
C ARG A 49 -43.01 18.28 0.03
N VAL A 50 -44.11 18.50 0.76
CA VAL A 50 -44.39 19.79 1.39
C VAL A 50 -44.55 19.62 2.90
N LYS A 51 -43.56 20.12 3.64
CA LYS A 51 -43.43 19.87 5.09
C LYS A 51 -43.46 21.19 5.85
N THR A 52 -43.95 21.14 7.08
CA THR A 52 -43.91 22.28 7.98
C THR A 52 -43.36 21.84 9.35
N GLY A 53 -42.61 22.73 10.00
CA GLY A 53 -42.05 22.42 11.30
C GLY A 53 -41.68 23.67 12.08
N VAL A 54 -41.17 23.46 13.29
CA VAL A 54 -40.71 24.54 14.16
C VAL A 54 -39.38 24.10 14.78
N THR A 55 -38.39 24.98 14.71
CA THR A 55 -37.08 24.75 15.29
C THR A 55 -36.78 25.97 16.13
N GLY A 56 -36.90 25.83 17.45
CA GLY A 56 -36.88 26.97 18.35
C GLY A 56 -37.87 28.00 17.87
N GLU A 57 -37.37 29.20 17.59
CA GLU A 57 -38.23 30.29 17.12
C GLU A 57 -38.42 30.33 15.60
N GLN A 58 -37.70 29.46 14.89
CA GLN A 58 -37.91 29.36 13.45
C GLN A 58 -39.13 28.54 13.07
N ILE A 59 -40.10 29.21 12.48
CA ILE A 59 -41.28 28.56 11.91
C ILE A 59 -41.13 28.55 10.41
N TRP A 60 -41.14 27.33 9.88
CA TRP A 60 -40.78 27.10 8.51
C TRP A 60 -41.76 26.21 7.75
N LEU A 61 -41.83 26.45 6.44
CA LEU A 61 -42.52 25.58 5.49
C LEU A 61 -41.52 25.17 4.43
N GLN A 62 -41.39 23.87 4.19
CA GLN A 62 -40.49 23.36 3.15
C GLN A 62 -41.22 22.79 1.94
N ILE A 63 -40.95 23.37 0.78
CA ILE A 63 -41.51 22.88 -0.47
C ILE A 63 -40.42 22.19 -1.28
N ASN A 64 -40.40 20.86 -1.27
CA ASN A 64 -39.41 20.12 -2.03
C ASN A 64 -39.77 20.05 -3.50
N GLU A 65 -38.76 19.98 -4.35
CA GLU A 65 -38.93 19.80 -5.78
C GLU A 65 -40.02 20.72 -6.35
N PRO A 66 -39.91 22.04 -6.12
CA PRO A 66 -40.99 22.99 -6.42
C PRO A 66 -41.22 23.15 -7.90
N THR A 67 -42.46 23.41 -8.29
CA THR A 67 -42.80 23.78 -9.68
C THR A 67 -43.56 25.11 -9.69
N PRO A 68 -43.89 25.64 -10.89
CA PRO A 68 -44.65 26.88 -10.93
C PRO A 68 -46.03 26.74 -10.28
N ASN A 69 -46.49 25.50 -10.13
CA ASN A 69 -47.74 25.24 -9.47
C ASN A 69 -47.69 25.57 -7.98
N ASP A 70 -46.48 25.69 -7.44
CA ASP A 70 -46.30 26.07 -6.04
C ASP A 70 -46.34 27.58 -5.82
N LYS A 71 -46.26 28.35 -6.91
CA LYS A 71 -46.34 29.82 -6.88
C LYS A 71 -47.64 30.30 -6.22
N GLY A 72 -47.57 31.42 -5.51
CA GLY A 72 -48.78 31.99 -4.91
C GLY A 72 -48.55 32.65 -3.57
N LYS A 73 -49.64 33.17 -2.99
CA LYS A 73 -49.56 33.82 -1.71
C LYS A 73 -49.57 32.80 -0.57
N TYR A 74 -48.50 32.84 0.24
CA TYR A 74 -48.38 32.03 1.44
C TYR A 74 -48.62 32.88 2.65
N VAL A 75 -49.49 32.39 3.53
CA VAL A 75 -49.75 33.00 4.82
C VAL A 75 -49.30 32.05 5.97
N MET A 76 -48.69 32.63 7.00
CA MET A 76 -48.33 31.89 8.19
C MET A 76 -49.09 32.48 9.35
N GLU A 77 -49.98 31.68 9.92
CA GLU A 77 -50.82 32.12 11.01
C GLU A 77 -50.39 31.50 12.35
N LEU A 78 -50.02 32.38 13.28
CA LEU A 78 -49.73 32.02 14.67
C LEU A 78 -50.95 32.39 15.51
N PHE A 79 -51.47 31.41 16.23
CA PHE A 79 -52.79 31.51 16.84
C PHE A 79 -52.67 31.20 18.33
N ASP A 80 -52.85 32.21 19.19
CA ASP A 80 -52.91 32.00 20.65
C ASP A 80 -54.29 32.30 21.27
N GLY A 81 -55.13 31.27 21.27
CA GLY A 81 -56.53 31.40 21.69
C GLY A 81 -57.34 32.09 20.60
N LYS A 82 -58.08 33.12 20.98
CA LYS A 82 -58.93 33.88 20.06
C LYS A 82 -58.23 35.13 19.47
N THR A 83 -56.94 34.98 19.18
CA THR A 83 -56.08 36.04 18.62
C THR A 83 -55.11 35.43 17.60
N GLY A 84 -54.93 36.10 16.46
CA GLY A 84 -54.00 35.62 15.45
C GLY A 84 -53.01 36.67 15.02
N HIS A 85 -51.75 36.26 14.88
CA HIS A 85 -50.74 37.11 14.27
C HIS A 85 -50.30 36.39 12.99
N GLN A 86 -50.40 37.06 11.85
CA GLN A 86 -50.09 36.35 10.64
C GLN A 86 -49.12 37.13 9.78
N LYS A 87 -48.42 36.39 8.93
CA LYS A 87 -47.45 36.93 7.99
C LYS A 87 -47.76 36.40 6.59
N THR A 88 -47.46 37.23 5.59
CA THR A 88 -47.77 36.93 4.19
C THR A 88 -46.50 37.08 3.36
N VAL A 89 -46.36 36.22 2.34
CA VAL A 89 -45.28 36.36 1.35
C VAL A 89 -45.81 35.90 0.00
N ASP A 90 -45.38 36.56 -1.06
CA ASP A 90 -45.85 36.25 -2.39
C ASP A 90 -44.71 35.54 -3.11
N LEU A 91 -44.90 34.24 -3.36
CA LEU A 91 -43.90 33.44 -4.06
C LEU A 91 -44.27 33.35 -5.52
N SER A 92 -43.83 34.34 -6.29
CA SER A 92 -44.19 34.43 -7.69
C SER A 92 -43.17 35.30 -8.41
N GLY A 93 -43.27 35.36 -9.73
CA GLY A 93 -42.36 36.13 -10.58
C GLY A 93 -40.87 35.94 -10.28
N GLN A 94 -40.16 37.07 -10.30
CA GLN A 94 -38.73 37.14 -10.05
C GLN A 94 -38.30 36.50 -8.72
N ALA A 95 -39.09 36.68 -7.67
CA ALA A 95 -38.80 36.01 -6.38
C ALA A 95 -38.78 34.48 -6.52
N TYR A 96 -39.77 33.94 -7.25
CA TYR A 96 -39.80 32.49 -7.52
C TYR A 96 -38.66 32.07 -8.45
N ASP A 97 -38.51 32.81 -9.56
CA ASP A 97 -37.53 32.44 -10.57
C ASP A 97 -36.15 32.31 -9.96
N GLU A 98 -35.79 33.27 -9.11
CA GLU A 98 -34.50 33.28 -8.45
C GLU A 98 -34.34 32.14 -7.47
N ALA A 99 -35.33 31.97 -6.58
CA ALA A 99 -35.34 30.88 -5.61
C ALA A 99 -35.24 29.50 -6.28
N TYR A 100 -35.85 29.35 -7.47
CA TYR A 100 -35.79 28.10 -8.22
C TYR A 100 -34.42 27.87 -8.81
N ALA A 101 -33.87 28.88 -9.49
CA ALA A 101 -32.53 28.75 -10.07
C ALA A 101 -31.47 28.34 -9.04
N GLU A 102 -31.47 29.03 -7.91
CA GLU A 102 -30.57 28.77 -6.81
C GLU A 102 -30.78 27.36 -6.25
N PHE A 103 -32.05 26.97 -6.09
CA PHE A 103 -32.41 25.61 -5.68
C PHE A 103 -31.82 24.57 -6.59
N GLN A 104 -31.86 24.82 -7.90
CA GLN A 104 -31.25 23.90 -8.87
C GLN A 104 -29.74 23.81 -8.68
N ARG A 105 -29.09 24.96 -8.49
CA ARG A 105 -27.65 25.01 -8.32
C ARG A 105 -27.21 24.32 -7.02
N LEU A 106 -27.99 24.50 -5.96
CA LEU A 106 -27.72 23.86 -4.68
C LEU A 106 -27.99 22.37 -4.74
N LYS A 107 -28.95 21.97 -5.55
CA LYS A 107 -29.28 20.53 -5.71
C LYS A 107 -28.13 19.80 -6.37
N GLN A 108 -27.52 20.45 -7.35
CA GLN A 108 -26.37 19.92 -8.03
C GLN A 108 -25.11 19.95 -7.15
N ALA A 109 -24.98 20.92 -6.26
CA ALA A 109 -23.87 20.93 -5.29
C ALA A 109 -23.94 19.72 -4.35
N ALA A 110 -25.15 19.32 -3.97
CA ALA A 110 -25.37 18.21 -3.05
C ALA A 110 -25.01 16.85 -3.70
N ILE A 111 -25.22 16.73 -5.01
CA ILE A 111 -24.78 15.58 -5.81
C ILE A 111 -23.25 15.49 -5.79
N ALA A 112 -22.58 16.62 -5.92
CA ALA A 112 -21.14 16.67 -5.91
C ALA A 112 -20.59 16.35 -4.53
N GLU A 113 -21.21 16.91 -3.50
CA GLU A 113 -20.83 16.66 -2.12
C GLU A 113 -20.92 15.18 -1.78
N LYS A 114 -21.99 14.54 -2.27
CA LYS A 114 -22.26 13.15 -2.02
C LYS A 114 -21.27 12.24 -2.73
N ASN A 115 -20.93 12.58 -3.96
CA ASN A 115 -20.26 11.65 -4.88
C ASN A 115 -18.83 12.01 -5.24
N ARG A 116 -18.34 13.11 -4.71
CA ARG A 116 -17.00 13.56 -4.98
C ARG A 116 -15.94 12.55 -4.50
N ALA A 117 -14.81 12.53 -5.20
CA ALA A 117 -13.71 11.64 -4.88
C ALA A 117 -13.13 11.98 -3.52
N ARG A 118 -12.83 10.93 -2.75
CA ARG A 118 -12.32 11.16 -1.41
C ARG A 118 -11.33 10.08 -0.95
N VAL A 119 -10.53 10.44 0.03
CA VAL A 119 -9.62 9.53 0.70
C VAL A 119 -10.33 8.89 1.89
N LEU A 120 -10.43 7.56 1.88
CA LEU A 120 -11.03 6.83 2.97
C LEU A 120 -10.00 6.64 4.09
N GLY A 121 -8.76 6.37 3.72
CA GLY A 121 -7.69 6.24 4.72
C GLY A 121 -6.60 5.29 4.24
N GLY A 122 -5.63 5.02 5.10
CA GLY A 122 -4.59 4.04 4.83
C GLY A 122 -3.19 4.55 5.06
N LEU A 123 -2.95 5.79 4.61
CA LEU A 123 -1.60 6.38 4.67
C LEU A 123 -1.31 6.99 6.04
N PRO A 124 -0.12 6.70 6.60
CA PRO A 124 0.25 7.34 7.86
C PRO A 124 0.79 8.74 7.57
N ASP A 125 0.92 9.57 8.60
CA ASP A 125 1.38 10.92 8.39
C ASP A 125 2.89 10.94 8.11
N VAL A 126 3.64 10.08 8.80
CA VAL A 126 5.07 9.97 8.54
C VAL A 126 5.56 8.56 8.82
N VAL A 127 6.49 8.11 7.98
CA VAL A 127 7.19 6.86 8.24
C VAL A 127 8.67 7.12 8.41
N THR A 128 9.28 6.38 9.33
CA THR A 128 10.73 6.33 9.45
C THR A 128 11.18 4.93 9.08
N ILE A 129 12.14 4.87 8.16
CA ILE A 129 12.63 3.59 7.65
C ILE A 129 14.14 3.60 7.52
N GLN A 130 14.77 2.47 7.84
CA GLN A 130 16.21 2.25 7.58
C GLN A 130 16.51 2.26 6.08
N GLU A 131 17.54 3.01 5.67
CA GLU A 131 17.93 3.08 4.26
C GLU A 131 18.21 1.68 3.72
N GLY A 132 17.61 1.34 2.58
CA GLY A 132 17.83 0.03 1.97
C GLY A 132 16.67 -0.94 2.08
N LYS A 133 15.79 -0.73 3.07
CA LYS A 133 14.60 -1.53 3.27
C LYS A 133 13.47 -1.13 2.32
N ALA A 134 12.68 -2.10 1.90
CA ALA A 134 11.56 -1.82 0.99
C ALA A 134 10.38 -1.25 1.77
N LEU A 135 9.54 -0.46 1.12
CA LEU A 135 8.35 0.15 1.77
C LEU A 135 7.06 0.00 0.93
N ASN A 136 5.99 -0.51 1.55
CA ASN A 136 4.66 -0.58 0.92
C ASN A 136 3.72 0.35 1.64
N LEU A 137 3.09 1.25 0.91
CA LEU A 137 2.04 2.10 1.50
C LEU A 137 0.78 1.96 0.66
N THR A 138 -0.39 2.01 1.32
CA THR A 138 -1.66 1.78 0.63
C THR A 138 -2.73 2.78 1.05
N CYS A 139 -3.43 3.35 0.07
CA CYS A 139 -4.53 4.29 0.33
C CYS A 139 -5.88 3.79 -0.23
N ASN A 140 -6.94 3.74 0.59
CA ASN A 140 -8.29 3.40 0.12
C ASN A 140 -9.06 4.68 -0.26
N VAL A 141 -9.56 4.72 -1.50
CA VAL A 141 -10.24 5.91 -2.06
C VAL A 141 -11.62 5.52 -2.53
N TRP A 142 -12.50 6.51 -2.71
CA TRP A 142 -13.82 6.28 -3.25
C TRP A 142 -14.32 7.50 -4.03
N GLY A 143 -15.12 7.25 -5.07
CA GLY A 143 -15.90 8.31 -5.72
C GLY A 143 -16.97 7.67 -6.56
N ASP A 144 -17.97 8.46 -6.94
CA ASP A 144 -18.96 8.02 -7.94
C ASP A 144 -19.16 9.13 -8.99
N PRO A 145 -18.50 9.00 -10.17
CA PRO A 145 -17.80 7.79 -10.63
C PRO A 145 -16.47 7.55 -9.94
N PRO A 146 -15.98 6.30 -9.99
CA PRO A 146 -14.65 6.01 -9.45
C PRO A 146 -13.64 7.06 -9.91
N PRO A 147 -12.74 7.48 -9.02
CA PRO A 147 -11.82 8.56 -9.34
C PRO A 147 -10.56 8.07 -10.07
N GLU A 148 -9.75 9.03 -10.51
CA GLU A 148 -8.41 8.69 -10.92
C GLU A 148 -7.47 9.26 -9.84
N VAL A 149 -6.23 8.79 -9.79
CA VAL A 149 -5.31 9.25 -8.78
C VAL A 149 -4.00 9.67 -9.44
N SER A 150 -3.30 10.59 -8.81
CA SER A 150 -1.92 10.89 -9.18
C SER A 150 -1.17 11.18 -7.90
N TRP A 151 0.16 11.17 -8.00
CA TRP A 151 1.01 11.29 -6.85
C TRP A 151 1.91 12.51 -7.00
N LEU A 152 2.32 13.06 -5.86
CA LEU A 152 3.25 14.19 -5.83
C LEU A 152 4.46 13.82 -4.95
N LYS A 153 5.60 14.40 -5.26
CA LYS A 153 6.72 14.37 -4.36
C LYS A 153 7.20 15.81 -4.31
N ASN A 154 7.35 16.31 -3.09
CA ASN A 154 7.74 17.71 -2.84
C ASN A 154 6.98 18.62 -3.79
N GLU A 155 5.65 18.43 -3.80
CA GLU A 155 4.67 19.21 -4.59
C GLU A 155 4.83 19.16 -6.12
N LYS A 156 5.55 18.16 -6.61
CA LYS A 156 5.72 17.98 -8.05
C LYS A 156 5.22 16.61 -8.50
N ALA A 157 4.64 16.56 -9.69
CA ALA A 157 4.13 15.30 -10.27
C ALA A 157 5.17 14.18 -10.17
N LEU A 158 4.73 13.03 -9.68
CA LEU A 158 5.60 11.86 -9.55
C LEU A 158 5.20 10.80 -10.56
N ALA A 159 6.18 10.26 -11.29
CA ALA A 159 5.97 9.20 -12.28
C ALA A 159 6.44 7.84 -11.79
N GLN A 160 5.59 6.83 -11.98
CA GLN A 160 5.86 5.44 -11.60
C GLN A 160 7.07 4.90 -12.39
N THR A 161 8.03 4.32 -11.68
CA THR A 161 9.23 3.69 -12.26
C THR A 161 9.21 2.28 -11.67
N ASP A 162 10.19 1.47 -12.02
CA ASP A 162 10.37 0.20 -11.32
C ASP A 162 10.82 0.35 -9.86
N HIS A 163 11.38 1.51 -9.52
CA HIS A 163 11.90 1.70 -8.18
C HIS A 163 10.83 2.29 -7.29
N CYS A 164 10.21 3.39 -7.75
CA CYS A 164 9.09 3.99 -7.02
C CYS A 164 7.82 3.71 -7.81
N ASN A 165 7.21 2.56 -7.47
CA ASN A 165 6.10 2.01 -8.21
C ASN A 165 4.69 2.37 -7.68
N LEU A 166 3.86 2.91 -8.56
CA LEU A 166 2.53 3.43 -8.22
C LEU A 166 1.51 2.65 -9.02
N LYS A 167 0.58 1.98 -8.35
CA LYS A 167 -0.49 1.25 -9.06
C LYS A 167 -1.82 1.68 -8.46
N PHE A 168 -2.91 1.46 -9.19
CA PHE A 168 -4.23 1.91 -8.76
C PHE A 168 -5.20 0.87 -9.28
N GLU A 169 -5.84 0.17 -8.35
CA GLU A 169 -6.62 -1.01 -8.70
C GLU A 169 -8.08 -0.92 -8.36
N ALA A 170 -8.90 -1.41 -9.29
CA ALA A 170 -10.36 -1.51 -9.18
C ALA A 170 -11.05 -0.17 -8.87
N GLY A 171 -10.41 0.94 -9.25
CA GLY A 171 -10.93 2.28 -9.00
C GLY A 171 -10.96 2.66 -7.53
N ARG A 172 -10.24 1.92 -6.69
CA ARG A 172 -10.39 2.17 -5.27
C ARG A 172 -9.19 1.96 -4.33
N THR A 173 -8.11 1.34 -4.82
CA THR A 173 -6.93 1.11 -3.97
C THR A 173 -5.67 1.53 -4.67
N ALA A 174 -4.99 2.49 -4.05
CA ALA A 174 -3.78 3.07 -4.61
C ALA A 174 -2.58 2.47 -3.88
N TYR A 175 -1.63 1.88 -4.61
CA TYR A 175 -0.43 1.29 -4.01
C TYR A 175 0.83 2.09 -4.33
N PHE A 176 1.62 2.34 -3.29
CA PHE A 176 2.87 3.07 -3.38
C PHE A 176 3.95 2.11 -2.85
N THR A 177 4.94 1.79 -3.66
CA THR A 177 5.97 0.83 -3.29
C THR A 177 7.36 1.34 -3.64
N ILE A 178 8.24 1.41 -2.64
CA ILE A 178 9.64 1.70 -2.92
C ILE A 178 10.49 0.47 -2.67
N ASN A 179 11.15 0.06 -3.74
CA ASN A 179 11.97 -1.12 -3.76
C ASN A 179 13.38 -0.75 -3.25
N GLY A 180 13.54 -0.62 -1.93
CA GLY A 180 14.81 -0.25 -1.32
C GLY A 180 14.94 1.27 -1.16
N VAL A 181 14.40 1.80 -0.07
CA VAL A 181 14.35 3.24 0.14
C VAL A 181 15.75 3.82 0.39
N SER A 182 16.17 4.75 -0.49
CA SER A 182 17.39 5.51 -0.31
C SER A 182 17.04 6.87 0.28
N THR A 183 18.06 7.58 0.75
CA THR A 183 17.84 8.90 1.34
C THR A 183 17.28 9.84 0.25
N ALA A 184 17.71 9.66 -1.00
CA ALA A 184 17.14 10.42 -2.10
C ALA A 184 15.62 10.22 -2.23
N ASP A 185 15.09 9.08 -1.75
CA ASP A 185 13.65 8.81 -1.76
C ASP A 185 12.89 9.50 -0.62
N SER A 186 13.60 10.12 0.31
CA SER A 186 12.90 10.77 1.41
C SER A 186 12.26 12.06 0.92
N GLY A 187 11.24 12.51 1.64
CA GLY A 187 10.53 13.74 1.25
C GLY A 187 9.06 13.73 1.64
N LYS A 188 8.37 14.80 1.30
CA LYS A 188 6.92 14.94 1.45
C LYS A 188 6.21 14.52 0.16
N TYR A 189 5.46 13.42 0.25
CA TYR A 189 4.72 12.86 -0.86
C TYR A 189 3.23 13.13 -0.64
N GLY A 190 2.44 13.09 -1.71
CA GLY A 190 1.01 13.31 -1.62
C GLY A 190 0.33 12.40 -2.62
N LEU A 191 -0.83 11.89 -2.23
CA LEU A 191 -1.74 11.23 -3.17
C LEU A 191 -2.93 12.16 -3.51
N VAL A 192 -3.12 12.45 -4.80
CA VAL A 192 -4.24 13.32 -5.24
C VAL A 192 -5.35 12.46 -5.87
N VAL A 193 -6.54 12.46 -5.30
CA VAL A 193 -7.63 11.67 -5.88
C VAL A 193 -8.69 12.59 -6.47
N LYS A 194 -9.20 12.26 -7.66
CA LYS A 194 -10.12 13.17 -8.35
C LYS A 194 -11.21 12.49 -9.23
N ASN A 195 -12.42 13.01 -9.15
CA ASN A 195 -13.45 12.70 -10.14
C ASN A 195 -14.17 13.98 -10.53
N LYS A 196 -15.21 13.86 -11.38
CA LYS A 196 -15.91 15.03 -11.93
C LYS A 196 -16.54 15.92 -10.87
N TYR A 197 -16.71 15.38 -9.67
CA TYR A 197 -17.40 16.11 -8.61
C TYR A 197 -16.48 16.83 -7.63
N GLY A 198 -15.20 16.45 -7.57
CA GLY A 198 -14.23 17.13 -6.71
C GLY A 198 -13.05 16.25 -6.36
N SER A 199 -12.15 16.75 -5.50
CA SER A 199 -10.92 16.03 -5.20
C SER A 199 -10.41 16.17 -3.79
N GLU A 200 -9.45 15.31 -3.44
CA GLU A 200 -8.79 15.29 -2.13
C GLU A 200 -7.33 14.88 -2.28
N THR A 201 -6.49 15.38 -1.37
CA THR A 201 -5.10 14.97 -1.23
C THR A 201 -4.87 14.36 0.17
N SER A 202 -4.01 13.35 0.20
CA SER A 202 -3.50 12.74 1.41
C SER A 202 -1.98 12.90 1.41
N ASP A 203 -1.45 13.54 2.44
CA ASP A 203 -0.01 13.80 2.55
C ASP A 203 0.66 12.82 3.48
N PHE A 204 1.86 12.43 3.09
CA PHE A 204 2.73 11.64 3.94
C PHE A 204 4.22 11.97 3.75
N THR A 205 4.98 11.94 4.85
CA THR A 205 6.42 12.18 4.82
C THR A 205 7.16 10.85 5.00
N VAL A 206 8.19 10.67 4.19
CA VAL A 206 9.08 9.52 4.23
C VAL A 206 10.46 9.98 4.71
N SER A 207 10.86 9.53 5.88
CA SER A 207 12.18 9.86 6.38
C SER A 207 13.03 8.61 6.58
N VAL A 208 14.32 8.83 6.48
CA VAL A 208 15.24 7.74 6.31
C VAL A 208 16.37 7.90 7.28
N PHE A 209 16.84 6.80 7.86
CA PHE A 209 18.14 6.82 8.57
C PHE A 209 19.08 5.83 7.93
N ILE A 210 20.36 6.18 7.94
CA ILE A 210 21.40 5.35 7.37
C ILE A 210 21.94 4.38 8.42
N PRO A 211 21.92 3.06 8.13
CA PRO A 211 22.36 2.06 9.11
C PRO A 211 23.87 1.99 9.21
N GLU A 212 24.37 1.33 10.26
CA GLU A 212 25.82 1.08 10.37
C GLU A 212 26.40 0.46 9.08
N LEU B 6 58.44 -22.30 -10.68
CA LEU B 6 57.09 -22.89 -10.90
C LEU B 6 56.85 -24.08 -9.99
N SER B 7 55.58 -24.32 -9.66
CA SER B 7 55.09 -25.50 -8.96
C SER B 7 53.58 -25.37 -8.90
N ALA B 8 52.89 -26.48 -8.87
CA ALA B 8 51.46 -26.47 -8.63
C ALA B 8 51.18 -27.58 -7.64
N THR B 9 50.28 -27.32 -6.70
CA THR B 9 49.83 -28.37 -5.79
C THR B 9 49.11 -29.47 -6.58
N ASP B 10 49.13 -30.70 -6.05
CA ASP B 10 48.36 -31.77 -6.68
C ASP B 10 46.89 -31.40 -6.80
N LEU B 11 46.30 -31.83 -7.89
CA LEU B 11 44.90 -31.57 -8.17
C LEU B 11 43.95 -32.09 -7.07
N LYS B 12 43.03 -31.24 -6.64
CA LYS B 12 42.08 -31.55 -5.57
C LYS B 12 40.69 -31.73 -6.17
N ILE B 13 39.89 -32.65 -5.62
CA ILE B 13 38.47 -32.77 -6.01
C ILE B 13 37.61 -32.14 -4.91
N GLN B 14 36.73 -31.21 -5.31
CA GLN B 14 35.89 -30.48 -4.36
C GLN B 14 34.44 -30.52 -4.80
N SER B 15 33.57 -31.02 -3.95
CA SER B 15 32.13 -30.95 -4.20
C SER B 15 31.62 -29.59 -3.81
N THR B 16 30.76 -29.04 -4.66
CA THR B 16 30.02 -27.82 -4.37
C THR B 16 28.51 -28.11 -4.42
N ALA B 17 27.70 -27.07 -4.18
CA ALA B 17 26.26 -27.18 -4.34
C ALA B 17 25.86 -27.37 -5.81
N GLU B 18 26.73 -26.93 -6.72
CA GLU B 18 26.42 -26.94 -8.16
C GLU B 18 27.01 -28.14 -8.91
N GLY B 19 28.01 -28.78 -8.32
CA GLY B 19 28.64 -29.94 -8.96
C GLY B 19 29.96 -30.29 -8.36
N ILE B 20 30.92 -30.64 -9.22
CA ILE B 20 32.25 -31.02 -8.77
C ILE B 20 33.25 -30.10 -9.46
N GLN B 21 34.22 -29.61 -8.69
CA GLN B 21 35.33 -28.88 -9.27
C GLN B 21 36.67 -29.47 -8.88
N LEU B 22 37.61 -29.28 -9.78
CA LEU B 22 38.96 -29.66 -9.59
C LEU B 22 39.71 -28.36 -9.52
N TYR B 23 40.78 -28.30 -8.73
CA TYR B 23 41.64 -27.12 -8.73
C TYR B 23 43.03 -27.45 -8.24
N SER B 24 43.94 -26.55 -8.56
CA SER B 24 45.32 -26.63 -8.16
C SER B 24 45.75 -25.20 -7.89
N PHE B 25 46.56 -25.02 -6.85
CA PHE B 25 47.15 -23.71 -6.58
C PHE B 25 48.57 -23.62 -7.09
N VAL B 26 48.80 -22.60 -7.91
CA VAL B 26 50.15 -22.25 -8.36
C VAL B 26 50.96 -21.64 -7.21
N THR B 27 52.26 -21.89 -7.27
CA THR B 27 53.19 -21.46 -6.22
C THR B 27 53.91 -20.13 -6.55
N TYR B 28 53.69 -19.15 -5.67
CA TYR B 28 54.39 -17.87 -5.59
C TYR B 28 54.34 -16.91 -6.80
N TYR B 29 53.18 -16.84 -7.44
CA TYR B 29 52.85 -15.81 -8.48
C TYR B 29 53.48 -15.97 -9.87
N VAL B 30 52.64 -16.15 -10.88
CA VAL B 30 53.08 -16.08 -12.29
C VAL B 30 52.09 -15.24 -13.12
N GLU B 31 52.61 -14.41 -14.03
CA GLU B 31 51.77 -13.40 -14.69
C GLU B 31 51.32 -13.64 -16.14
N ASP B 32 51.43 -14.87 -16.61
CA ASP B 32 50.73 -15.34 -17.82
C ASP B 32 50.90 -16.83 -17.90
N LEU B 33 50.21 -17.54 -17.01
CA LEU B 33 50.18 -18.97 -17.13
C LEU B 33 49.12 -19.33 -18.16
N LYS B 34 49.57 -19.97 -19.24
CA LYS B 34 48.66 -20.53 -20.24
C LYS B 34 48.21 -21.91 -19.78
N VAL B 35 46.90 -22.11 -19.74
CA VAL B 35 46.31 -23.30 -19.15
C VAL B 35 45.49 -24.09 -20.17
N ASN B 36 45.70 -25.40 -20.18
CA ASN B 36 45.00 -26.31 -21.06
C ASN B 36 44.56 -27.52 -20.25
N TRP B 37 43.27 -27.81 -20.27
CA TRP B 37 42.74 -28.98 -19.58
C TRP B 37 42.26 -30.01 -20.58
N SER B 38 42.55 -31.27 -20.30
CA SER B 38 42.02 -32.37 -21.10
C SER B 38 41.19 -33.34 -20.25
N HIS B 39 40.31 -34.09 -20.93
CA HIS B 39 39.48 -35.11 -20.30
C HIS B 39 39.57 -36.40 -21.11
N ASN B 40 40.08 -37.44 -20.45
CA ASN B 40 40.41 -38.70 -21.10
C ASN B 40 41.19 -38.49 -22.39
N GLY B 41 42.19 -37.61 -22.31
CA GLY B 41 43.09 -37.32 -23.43
C GLY B 41 42.56 -36.34 -24.45
N SER B 42 41.33 -35.87 -24.25
CA SER B 42 40.71 -34.96 -25.22
C SER B 42 40.48 -33.56 -24.64
N ALA B 43 40.56 -32.54 -25.50
CA ALA B 43 40.30 -31.17 -25.12
C ALA B 43 38.85 -31.06 -24.69
N ILE B 44 38.59 -30.23 -23.69
CA ILE B 44 37.26 -30.10 -23.15
C ILE B 44 36.52 -28.99 -23.91
N ARG B 45 35.36 -29.35 -24.45
CA ARG B 45 34.45 -28.37 -25.02
C ARG B 45 33.86 -27.66 -23.80
N TYR B 46 33.83 -26.34 -23.84
CA TYR B 46 33.33 -25.59 -22.68
C TYR B 46 31.91 -25.11 -22.88
N SER B 47 31.19 -24.96 -21.77
CA SER B 47 29.80 -24.51 -21.81
C SER B 47 29.45 -23.72 -20.56
N ASP B 48 28.16 -23.46 -20.39
CA ASP B 48 27.68 -22.92 -19.14
C ASP B 48 27.69 -24.05 -18.10
N ARG B 49 27.73 -25.30 -18.58
CA ARG B 49 27.74 -26.46 -17.70
C ARG B 49 29.14 -26.81 -17.23
N VAL B 50 30.10 -26.77 -18.16
CA VAL B 50 31.50 -27.06 -17.84
C VAL B 50 32.35 -25.83 -18.13
N LYS B 51 32.96 -25.29 -17.07
CA LYS B 51 33.79 -24.09 -17.22
C LYS B 51 35.08 -24.14 -16.40
N THR B 52 36.05 -23.38 -16.89
CA THR B 52 37.36 -23.32 -16.29
C THR B 52 37.72 -21.86 -16.05
N GLY B 53 38.62 -21.62 -15.09
CA GLY B 53 39.08 -20.28 -14.81
C GLY B 53 40.34 -20.28 -14.00
N VAL B 54 40.83 -19.08 -13.71
CA VAL B 54 41.86 -18.86 -12.70
C VAL B 54 41.40 -17.76 -11.77
N THR B 55 41.55 -17.99 -10.46
CA THR B 55 41.29 -16.96 -9.45
C THR B 55 42.57 -16.75 -8.65
N GLY B 56 43.33 -15.71 -9.02
CA GLY B 56 44.67 -15.52 -8.49
C GLY B 56 45.59 -16.63 -8.95
N GLU B 57 46.12 -17.40 -7.99
CA GLU B 57 46.87 -18.59 -8.38
C GLU B 57 46.12 -19.89 -8.24
N GLN B 58 44.81 -19.81 -8.03
CA GLN B 58 43.97 -21.00 -8.05
C GLN B 58 43.44 -21.26 -9.45
N ILE B 59 43.97 -22.32 -10.08
CA ILE B 59 43.49 -22.77 -11.39
C ILE B 59 42.43 -23.86 -11.18
N TRP B 60 41.30 -23.73 -11.86
CA TRP B 60 40.16 -24.58 -11.57
C TRP B 60 39.32 -24.97 -12.77
N LEU B 61 38.48 -25.97 -12.54
CA LEU B 61 37.54 -26.50 -13.52
C LEU B 61 36.23 -26.82 -12.80
N GLN B 62 35.13 -26.24 -13.26
CA GLN B 62 33.81 -26.50 -12.67
C GLN B 62 32.96 -27.37 -13.61
N ILE B 63 32.57 -28.52 -13.07
CA ILE B 63 31.74 -29.47 -13.79
C ILE B 63 30.41 -29.41 -13.07
N ASN B 64 29.50 -28.66 -13.65
CA ASN B 64 28.18 -28.55 -13.08
C ASN B 64 27.37 -29.81 -13.37
N GLU B 65 26.59 -30.21 -12.38
CA GLU B 65 25.70 -31.35 -12.51
C GLU B 65 26.39 -32.56 -13.20
N PRO B 66 27.42 -33.11 -12.55
CA PRO B 66 28.17 -34.21 -13.17
C PRO B 66 27.34 -35.48 -13.39
N THR B 67 27.69 -36.22 -14.45
CA THR B 67 27.16 -37.55 -14.71
C THR B 67 28.34 -38.51 -14.87
N PRO B 68 28.08 -39.84 -14.89
CA PRO B 68 29.14 -40.82 -15.16
C PRO B 68 29.96 -40.48 -16.41
N ASN B 69 29.33 -39.78 -17.33
CA ASN B 69 29.97 -39.22 -18.54
C ASN B 69 31.20 -38.37 -18.25
N ASP B 70 31.20 -37.69 -17.10
CA ASP B 70 32.28 -36.79 -16.71
C ASP B 70 33.44 -37.47 -15.97
N LYS B 71 33.29 -38.76 -15.68
CA LYS B 71 34.33 -39.53 -15.00
C LYS B 71 35.55 -39.72 -15.87
N GLY B 72 36.70 -39.96 -15.26
CA GLY B 72 37.91 -40.23 -16.02
C GLY B 72 39.10 -39.39 -15.63
N LYS B 73 40.09 -39.36 -16.53
CA LYS B 73 41.38 -38.72 -16.28
C LYS B 73 41.38 -37.25 -16.68
N TYR B 74 41.60 -36.38 -15.70
CA TYR B 74 41.77 -34.94 -15.96
C TYR B 74 43.23 -34.48 -15.84
N VAL B 75 43.74 -33.92 -16.92
CA VAL B 75 45.09 -33.36 -16.94
C VAL B 75 44.99 -31.85 -17.02
N MET B 76 45.69 -31.18 -16.13
CA MET B 76 45.86 -29.74 -16.18
C MET B 76 47.27 -29.41 -16.67
N GLU B 77 47.39 -28.71 -17.79
CA GLU B 77 48.68 -28.37 -18.38
C GLU B 77 48.97 -26.89 -18.25
N LEU B 78 50.15 -26.57 -17.73
CA LEU B 78 50.55 -25.19 -17.45
C LEU B 78 51.80 -24.81 -18.23
N PHE B 79 51.90 -23.53 -18.60
CA PHE B 79 53.07 -22.97 -19.25
C PHE B 79 53.29 -21.52 -18.79
N ASP B 80 54.48 -21.23 -18.25
CA ASP B 80 54.80 -19.89 -17.73
C ASP B 80 55.75 -19.11 -18.65
N GLY B 81 56.18 -19.76 -19.74
CA GLY B 81 57.06 -19.13 -20.72
C GLY B 81 58.41 -19.78 -20.84
N LYS B 82 58.91 -20.29 -19.71
CA LYS B 82 60.20 -20.97 -19.67
C LYS B 82 60.03 -22.48 -19.49
N THR B 83 59.08 -22.87 -18.65
CA THR B 83 58.95 -24.27 -18.24
C THR B 83 57.52 -24.79 -18.37
N GLY B 84 57.39 -26.07 -18.66
CA GLY B 84 56.09 -26.74 -18.68
C GLY B 84 55.86 -27.53 -17.40
N HIS B 85 54.59 -27.78 -17.11
CA HIS B 85 54.20 -28.59 -15.95
C HIS B 85 52.77 -29.07 -16.13
N GLN B 86 52.55 -30.33 -15.81
CA GLN B 86 51.23 -30.88 -15.87
C GLN B 86 50.88 -31.60 -14.56
N LYS B 87 49.60 -31.50 -14.17
CA LYS B 87 49.07 -32.24 -13.02
C LYS B 87 47.88 -33.07 -13.47
N THR B 88 47.70 -34.21 -12.82
CA THR B 88 46.69 -35.19 -13.22
C THR B 88 45.85 -35.59 -12.02
N VAL B 89 44.58 -35.89 -12.27
CA VAL B 89 43.73 -36.53 -11.27
C VAL B 89 42.75 -37.49 -11.94
N ASP B 90 42.48 -38.62 -11.27
CA ASP B 90 41.44 -39.55 -11.73
C ASP B 90 40.11 -39.29 -11.06
N LEU B 91 39.17 -38.75 -11.82
CA LEU B 91 37.82 -38.56 -11.29
C LEU B 91 37.08 -39.89 -11.49
N SER B 92 37.40 -40.89 -10.66
CA SER B 92 36.89 -42.22 -10.84
C SER B 92 36.76 -42.87 -9.47
N GLY B 93 36.12 -44.05 -9.46
CA GLY B 93 35.99 -44.91 -8.32
C GLY B 93 35.47 -44.25 -7.07
N GLN B 94 36.18 -44.46 -5.96
CA GLN B 94 35.82 -43.89 -4.68
C GLN B 94 35.79 -42.36 -4.76
N ALA B 95 36.81 -41.78 -5.39
CA ALA B 95 36.94 -40.33 -5.56
C ALA B 95 35.69 -39.72 -6.16
N TYR B 96 35.10 -40.40 -7.14
CA TYR B 96 33.86 -39.89 -7.76
C TYR B 96 32.65 -40.25 -6.92
N ASP B 97 32.65 -41.46 -6.35
CA ASP B 97 31.52 -41.87 -5.52
C ASP B 97 31.29 -40.86 -4.39
N GLU B 98 32.32 -40.59 -3.58
CA GLU B 98 32.23 -39.62 -2.49
C GLU B 98 31.88 -38.20 -2.95
N ALA B 99 32.57 -37.70 -3.98
CA ALA B 99 32.33 -36.36 -4.53
C ALA B 99 30.92 -36.21 -5.08
N TYR B 100 30.43 -37.22 -5.80
CA TYR B 100 29.06 -37.17 -6.29
C TYR B 100 28.07 -37.15 -5.13
N ALA B 101 28.28 -38.03 -4.15
CA ALA B 101 27.42 -38.10 -2.96
C ALA B 101 27.40 -36.78 -2.16
N GLU B 102 28.56 -36.15 -2.05
CA GLU B 102 28.75 -34.91 -1.32
C GLU B 102 28.12 -33.71 -2.04
N PHE B 103 28.26 -33.70 -3.37
CA PHE B 103 27.55 -32.79 -4.25
C PHE B 103 26.06 -32.81 -3.90
N GLN B 104 25.45 -33.99 -4.03
CA GLN B 104 24.03 -34.14 -3.83
C GLN B 104 23.57 -33.57 -2.51
N ARG B 105 24.33 -33.80 -1.44
CA ARG B 105 23.95 -33.28 -0.12
C ARG B 105 24.05 -31.76 -0.08
N LEU B 106 25.08 -31.21 -0.71
CA LEU B 106 25.28 -29.77 -0.77
C LEU B 106 24.25 -29.10 -1.64
N LYS B 107 23.74 -29.82 -2.64
CA LYS B 107 22.74 -29.30 -3.55
C LYS B 107 21.45 -29.12 -2.77
N GLN B 108 21.14 -30.16 -1.98
CA GLN B 108 19.96 -30.18 -1.09
C GLN B 108 20.04 -29.15 0.02
N ALA B 109 21.22 -28.91 0.57
CA ALA B 109 21.39 -27.81 1.53
C ALA B 109 21.13 -26.42 0.91
N ALA B 110 21.52 -26.24 -0.34
CA ALA B 110 21.36 -24.95 -1.02
C ALA B 110 19.89 -24.65 -1.27
N ILE B 111 19.13 -25.71 -1.53
CA ILE B 111 17.67 -25.63 -1.69
C ILE B 111 17.03 -25.12 -0.40
N ALA B 112 17.50 -25.63 0.73
CA ALA B 112 17.09 -25.11 2.05
C ALA B 112 17.35 -23.62 2.26
N GLU B 113 18.57 -23.19 1.96
CA GLU B 113 18.96 -21.80 2.01
C GLU B 113 18.17 -20.92 1.01
N LYS B 114 17.97 -21.40 -0.22
CA LYS B 114 17.18 -20.65 -1.19
C LYS B 114 15.71 -20.54 -0.76
N ASN B 115 15.17 -21.58 -0.12
CA ASN B 115 13.73 -21.68 0.13
C ASN B 115 13.23 -21.41 1.56
N ARG B 116 14.16 -21.12 2.48
N ARG B 116 14.15 -21.13 2.49
CA ARG B 116 13.79 -20.77 3.86
CA ARG B 116 13.73 -20.82 3.86
C ARG B 116 12.90 -19.53 3.87
C ARG B 116 12.90 -19.55 3.87
N ALA B 117 12.02 -19.45 4.86
CA ALA B 117 11.08 -18.34 4.95
C ALA B 117 11.81 -17.05 5.22
N ARG B 118 11.43 -16.00 4.50
CA ARG B 118 12.12 -14.73 4.56
C ARG B 118 11.12 -13.60 4.46
N VAL B 119 11.38 -12.55 5.24
CA VAL B 119 10.78 -11.26 5.01
C VAL B 119 11.52 -10.62 3.83
N LEU B 120 10.80 -10.32 2.75
CA LEU B 120 11.39 -9.62 1.60
C LEU B 120 11.43 -8.11 1.80
N GLY B 121 10.40 -7.56 2.46
CA GLY B 121 10.39 -6.14 2.81
C GLY B 121 8.96 -5.64 2.98
N GLY B 122 8.82 -4.33 3.24
CA GLY B 122 7.51 -3.64 3.18
C GLY B 122 7.17 -2.81 4.39
N LEU B 123 7.60 -3.28 5.55
CA LEU B 123 7.24 -2.61 6.78
C LEU B 123 8.29 -1.56 7.11
N PRO B 124 7.84 -0.35 7.48
CA PRO B 124 8.75 0.68 7.93
C PRO B 124 9.10 0.42 9.39
N ASP B 125 10.22 0.95 9.89
CA ASP B 125 10.57 0.80 11.30
C ASP B 125 9.61 1.51 12.26
N VAL B 126 9.18 2.71 11.85
CA VAL B 126 8.32 3.55 12.66
C VAL B 126 7.29 4.21 11.74
N VAL B 127 6.03 4.20 12.12
CA VAL B 127 5.01 5.03 11.48
C VAL B 127 4.34 5.92 12.50
N THR B 128 4.27 7.23 12.24
CA THR B 128 3.51 8.14 13.09
C THR B 128 2.20 8.49 12.41
N ILE B 129 1.11 8.44 13.17
CA ILE B 129 -0.22 8.68 12.60
C ILE B 129 -1.16 9.43 13.55
N GLN B 130 -1.97 10.32 12.97
CA GLN B 130 -3.02 11.03 13.69
C GLN B 130 -4.09 10.10 14.19
N GLU B 131 -4.42 10.22 15.46
CA GLU B 131 -5.44 9.36 16.05
C GLU B 131 -6.71 9.41 15.23
N GLY B 132 -7.25 8.25 14.91
CA GLY B 132 -8.53 8.17 14.23
C GLY B 132 -8.40 7.88 12.75
N LYS B 133 -7.20 8.04 12.19
CA LYS B 133 -6.96 7.72 10.80
C LYS B 133 -6.71 6.22 10.67
N ALA B 134 -7.09 5.68 9.53
CA ALA B 134 -6.85 4.28 9.24
C ALA B 134 -5.44 4.05 8.69
N LEU B 135 -4.93 2.85 8.92
CA LEU B 135 -3.55 2.49 8.57
C LEU B 135 -3.45 1.13 7.85
N ASN B 136 -2.83 1.12 6.68
CA ASN B 136 -2.59 -0.11 5.91
C ASN B 136 -1.11 -0.39 5.80
N LEU B 137 -0.66 -1.48 6.39
CA LEU B 137 0.72 -1.89 6.22
C LEU B 137 0.78 -3.26 5.52
N THR B 138 1.86 -3.50 4.76
CA THR B 138 2.01 -4.67 3.92
C THR B 138 3.44 -5.18 3.92
N CYS B 139 3.58 -6.49 4.14
CA CYS B 139 4.88 -7.15 4.15
C CYS B 139 4.92 -8.24 3.09
N ASN B 140 5.92 -8.18 2.21
CA ASN B 140 6.15 -9.26 1.25
C ASN B 140 7.03 -10.30 1.90
N VAL B 141 6.56 -11.56 1.88
CA VAL B 141 7.31 -12.69 2.42
C VAL B 141 7.59 -13.74 1.36
N TRP B 142 8.43 -14.70 1.71
CA TRP B 142 8.82 -15.75 0.80
C TRP B 142 9.03 -17.06 1.55
N GLY B 143 8.69 -18.18 0.90
CA GLY B 143 8.97 -19.48 1.42
C GLY B 143 8.55 -20.57 0.45
N ASP B 144 9.37 -21.60 0.33
CA ASP B 144 8.99 -22.82 -0.38
C ASP B 144 9.47 -24.00 0.46
N PRO B 145 8.54 -24.68 1.15
CA PRO B 145 7.08 -24.51 1.08
C PRO B 145 6.52 -23.19 1.65
N PRO B 146 5.31 -22.79 1.20
CA PRO B 146 4.76 -21.51 1.67
C PRO B 146 4.84 -21.41 3.19
N PRO B 147 5.23 -20.23 3.71
CA PRO B 147 5.36 -20.06 5.15
C PRO B 147 4.06 -19.77 5.89
N GLU B 148 4.14 -19.88 7.21
CA GLU B 148 3.13 -19.42 8.15
C GLU B 148 3.54 -18.05 8.65
N VAL B 149 2.57 -17.16 8.84
CA VAL B 149 2.83 -15.88 9.44
C VAL B 149 1.98 -15.76 10.69
N SER B 150 2.59 -15.11 11.68
CA SER B 150 1.90 -14.72 12.88
C SER B 150 2.39 -13.32 13.24
N TRP B 151 1.60 -12.61 14.03
CA TRP B 151 1.91 -11.25 14.40
C TRP B 151 2.03 -11.12 15.90
N LEU B 152 2.84 -10.15 16.31
CA LEU B 152 3.06 -9.87 17.71
C LEU B 152 2.74 -8.42 18.03
N LYS B 153 2.33 -8.17 19.27
CA LYS B 153 2.29 -6.84 19.82
C LYS B 153 2.91 -6.94 21.19
N ASN B 154 3.95 -6.14 21.43
CA ASN B 154 4.74 -6.20 22.65
C ASN B 154 5.21 -7.62 22.93
N GLU B 155 5.63 -8.29 21.87
CA GLU B 155 6.24 -9.62 21.93
C GLU B 155 5.27 -10.77 22.31
N LYS B 156 3.99 -10.46 22.46
CA LYS B 156 3.00 -11.52 22.60
C LYS B 156 2.07 -11.64 21.39
N ALA B 157 1.57 -12.86 21.20
CA ALA B 157 0.76 -13.21 20.05
C ALA B 157 -0.38 -12.22 19.89
N LEU B 158 -0.64 -11.85 18.64
CA LEU B 158 -1.70 -10.92 18.32
C LEU B 158 -2.79 -11.60 17.47
N ALA B 159 -4.04 -11.54 17.92
CA ALA B 159 -5.16 -12.07 17.14
C ALA B 159 -5.76 -11.00 16.20
N GLN B 160 -6.29 -11.43 15.05
CA GLN B 160 -7.01 -10.52 14.14
C GLN B 160 -8.41 -10.29 14.65
N THR B 161 -8.84 -9.04 14.50
CA THR B 161 -10.09 -8.53 15.01
C THR B 161 -10.59 -7.81 13.75
N ASP B 162 -11.79 -7.27 13.76
CA ASP B 162 -12.21 -6.44 12.64
C ASP B 162 -11.57 -5.05 12.71
N HIS B 163 -11.04 -4.69 13.88
CA HIS B 163 -10.47 -3.37 14.13
C HIS B 163 -9.02 -3.32 13.67
N CYS B 164 -8.23 -4.26 14.19
CA CYS B 164 -6.86 -4.50 13.73
C CYS B 164 -6.86 -5.84 13.02
N ASN B 165 -6.94 -5.78 11.69
CA ASN B 165 -7.20 -6.92 10.84
C ASN B 165 -5.91 -7.36 10.18
N LEU B 166 -5.68 -8.67 10.16
CA LEU B 166 -4.45 -9.32 9.68
C LEU B 166 -4.82 -10.34 8.61
N LYS B 167 -4.21 -10.27 7.44
CA LYS B 167 -4.57 -11.18 6.33
C LYS B 167 -3.29 -11.68 5.69
N PHE B 168 -3.36 -12.84 5.06
CA PHE B 168 -2.17 -13.43 4.50
C PHE B 168 -2.61 -14.14 3.25
N GLU B 169 -2.08 -13.73 2.11
CA GLU B 169 -2.58 -14.20 0.80
C GLU B 169 -1.50 -14.78 -0.05
N ALA B 170 -1.85 -15.82 -0.79
CA ALA B 170 -0.99 -16.46 -1.79
C ALA B 170 0.39 -16.94 -1.27
N GLY B 171 0.52 -17.15 0.06
CA GLY B 171 1.81 -17.46 0.71
C GLY B 171 2.90 -16.41 0.54
N ARG B 172 2.49 -15.18 0.26
CA ARG B 172 3.38 -14.15 -0.24
C ARG B 172 3.20 -12.78 0.40
N THR B 173 1.96 -12.46 0.77
CA THR B 173 1.63 -11.10 1.19
C THR B 173 0.84 -11.09 2.50
N ALA B 174 1.38 -10.39 3.50
CA ALA B 174 0.74 -10.26 4.81
C ALA B 174 0.26 -8.82 4.95
N TYR B 175 -1.02 -8.65 5.26
CA TYR B 175 -1.60 -7.31 5.43
C TYR B 175 -1.96 -7.04 6.88
N PHE B 176 -1.66 -5.80 7.29
CA PHE B 176 -1.94 -5.32 8.63
C PHE B 176 -2.78 -4.06 8.46
N THR B 177 -4.03 -4.10 8.90
CA THR B 177 -4.94 -2.98 8.69
C THR B 177 -5.63 -2.55 9.97
N ILE B 178 -5.43 -1.29 10.34
CA ILE B 178 -6.14 -0.75 11.49
C ILE B 178 -7.17 0.27 11.03
N ASN B 179 -8.42 0.01 11.38
CA ASN B 179 -9.50 0.84 10.94
C ASN B 179 -9.78 1.92 11.96
N GLY B 180 -9.01 3.01 11.91
CA GLY B 180 -9.08 4.06 12.91
C GLY B 180 -8.13 3.82 14.08
N VAL B 181 -6.88 4.22 13.93
CA VAL B 181 -5.87 4.02 14.96
C VAL B 181 -6.11 4.89 16.21
N SER B 182 -6.35 4.22 17.35
CA SER B 182 -6.40 4.89 18.64
C SER B 182 -5.03 4.87 19.34
N THR B 183 -4.86 5.69 20.37
CA THR B 183 -3.65 5.64 21.19
C THR B 183 -3.43 4.20 21.72
N ALA B 184 -4.52 3.51 22.08
CA ALA B 184 -4.47 2.10 22.49
C ALA B 184 -3.84 1.19 21.42
N ASP B 185 -3.88 1.58 20.15
CA ASP B 185 -3.26 0.79 19.06
C ASP B 185 -1.75 1.05 18.85
N SER B 186 -1.21 2.08 19.51
CA SER B 186 0.21 2.37 19.46
C SER B 186 0.96 1.23 20.15
N GLY B 187 2.21 1.05 19.81
CA GLY B 187 3.03 0.03 20.42
C GLY B 187 3.98 -0.60 19.44
N LYS B 188 4.70 -1.60 19.93
CA LYS B 188 5.70 -2.33 19.16
C LYS B 188 5.16 -3.65 18.60
N TYR B 189 4.98 -3.70 17.30
CA TYR B 189 4.46 -4.88 16.62
C TYR B 189 5.55 -5.70 15.93
N GLY B 190 5.24 -6.96 15.64
CA GLY B 190 6.16 -7.80 14.86
C GLY B 190 5.39 -8.73 13.93
N LEU B 191 5.99 -9.02 12.78
CA LEU B 191 5.56 -10.10 11.94
C LEU B 191 6.60 -11.21 12.02
N VAL B 192 6.14 -12.46 12.14
CA VAL B 192 7.04 -13.61 12.06
C VAL B 192 6.60 -14.52 10.93
N VAL B 193 7.53 -14.89 10.04
CA VAL B 193 7.24 -15.95 9.06
C VAL B 193 8.10 -17.14 9.34
N LYS B 194 7.54 -18.33 9.12
CA LYS B 194 8.18 -19.57 9.48
C LYS B 194 7.79 -20.66 8.48
N ASN B 195 8.78 -21.37 7.99
CA ASN B 195 8.59 -22.67 7.34
C ASN B 195 9.64 -23.67 7.86
N LYS B 196 9.71 -24.86 7.23
CA LYS B 196 10.56 -25.95 7.69
C LYS B 196 12.07 -25.70 7.61
N TYR B 197 12.47 -24.71 6.81
CA TYR B 197 13.88 -24.42 6.57
C TYR B 197 14.37 -23.23 7.36
N GLY B 198 13.45 -22.54 8.02
CA GLY B 198 13.84 -21.34 8.75
C GLY B 198 12.75 -20.31 8.97
N SER B 199 13.19 -19.14 9.43
CA SER B 199 12.29 -18.22 10.11
C SER B 199 12.90 -16.81 10.07
N GLU B 200 12.06 -15.80 9.86
CA GLU B 200 12.51 -14.39 9.94
C GLU B 200 11.45 -13.52 10.60
N THR B 201 11.89 -12.39 11.16
CA THR B 201 10.98 -11.41 11.79
C THR B 201 11.17 -10.00 11.22
N SER B 202 10.08 -9.22 11.26
CA SER B 202 10.11 -7.82 10.92
C SER B 202 9.38 -7.03 12.02
N ASP B 203 10.06 -6.07 12.62
CA ASP B 203 9.46 -5.28 13.70
C ASP B 203 9.07 -3.89 13.22
N PHE B 204 8.03 -3.31 13.84
CA PHE B 204 7.66 -1.92 13.55
C PHE B 204 6.91 -1.32 14.72
N THR B 205 7.18 -0.03 14.98
CA THR B 205 6.45 0.72 16.00
C THR B 205 5.36 1.59 15.35
N VAL B 206 4.18 1.60 15.97
CA VAL B 206 3.13 2.51 15.56
C VAL B 206 3.01 3.55 16.65
N SER B 207 3.26 4.81 16.37
CA SER B 207 2.98 5.83 17.38
C SER B 207 1.90 6.78 16.89
N VAL B 208 1.19 7.39 17.84
CA VAL B 208 -0.01 8.17 17.59
C VAL B 208 0.06 9.56 18.20
N PHE B 209 -0.45 10.54 17.48
CA PHE B 209 -0.66 11.88 18.06
C PHE B 209 -2.13 12.23 17.97
N ILE B 210 -2.62 12.87 19.02
CA ILE B 210 -4.02 13.21 19.15
C ILE B 210 -4.26 14.57 18.47
N PRO B 211 -5.26 14.64 17.58
CA PRO B 211 -5.57 15.91 16.95
C PRO B 211 -6.35 16.87 17.85
N GLU B 212 -6.35 18.14 17.44
CA GLU B 212 -7.28 19.14 17.96
C GLU B 212 -8.63 18.49 18.27
#